data_4RCK
#
_entry.id   4RCK
#
_cell.length_a   49.734
_cell.length_b   49.734
_cell.length_c   343.880
_cell.angle_alpha   90.00
_cell.angle_beta   90.00
_cell.angle_gamma   120.00
#
_symmetry.space_group_name_H-M   'P 65'
#
loop_
_entity.id
_entity.type
_entity.pdbx_description
1 polymer 'Hypothetical membrane spanning protein'
2 non-polymer 'MAGNESIUM ION'
3 water water
#
_entity_poly.entity_id   1
_entity_poly.type   'polypeptide(L)'
_entity_poly.pdbx_seq_one_letter_code
;SNARPVWYGEPVDIQPEHRD(MSE)(MSE)LVVDLSGS(MSE)AEED(MSE)KTSNGDFVDRLTAVKQVVSDFIDQRKGD
RLGLVLFGDHAYLQTPLTFDRNTVREQLDRTVLNLVGQRTAIGEGLGLATKTFIESNAPQRTIILLSDGANTAGVLEPLE
AAQLAKDNHAKIYTVGIGAGE(MSE)QVRGFFGKQTVNTARDLDEDTLTKIAT(MSE)TGGQYFRARNADELAEIYQTID
ALEP
;
_entity_poly.pdbx_strand_id   A,B
#
# COMPACT_ATOMS: atom_id res chain seq x y z
N GLU A 17 0.98 -10.54 -5.54
CA GLU A 17 0.16 -9.38 -5.24
C GLU A 17 0.93 -8.06 -5.42
N HIS A 18 1.29 -7.43 -4.30
N HIS A 18 1.29 -7.44 -4.30
CA HIS A 18 1.95 -6.14 -4.34
CA HIS A 18 1.95 -6.13 -4.32
C HIS A 18 3.32 -6.17 -3.66
C HIS A 18 3.33 -6.18 -3.65
N ARG A 19 4.28 -5.46 -4.24
CA ARG A 19 5.65 -5.44 -3.71
C ARG A 19 6.03 -4.10 -3.10
N ASP A 20 6.93 -4.13 -2.13
CA ASP A 20 7.56 -2.93 -1.58
C ASP A 20 9.03 -2.88 -1.99
N LEU A 23 14.51 2.04 -3.53
CA LEU A 23 15.63 2.38 -4.38
C LEU A 23 16.66 3.19 -3.59
N VAL A 24 17.90 2.74 -3.62
CA VAL A 24 18.99 3.41 -2.93
C VAL A 24 20.06 3.85 -3.93
N VAL A 25 20.26 5.16 -4.06
CA VAL A 25 21.08 5.71 -5.13
C VAL A 25 22.26 6.55 -4.62
N ASP A 26 23.43 6.27 -5.19
CA ASP A 26 24.67 6.97 -4.91
C ASP A 26 24.68 8.37 -5.54
N LEU A 27 24.88 9.39 -4.71
CA LEU A 27 24.94 10.76 -5.20
C LEU A 27 26.31 11.41 -4.98
N SER A 28 27.30 10.60 -4.63
CA SER A 28 28.65 11.10 -4.36
C SER A 28 29.23 11.81 -5.57
N GLY A 29 30.16 12.72 -5.31
CA GLY A 29 30.72 13.57 -6.35
C GLY A 29 31.33 12.82 -7.53
N SER A 30 31.69 11.56 -7.32
CA SER A 30 32.27 10.73 -8.37
C SER A 30 31.23 10.35 -9.43
N ALA A 32 29.60 12.38 -11.09
CA ALA A 32 29.60 13.42 -12.12
C ALA A 32 30.51 13.03 -13.29
N GLU A 33 31.26 11.94 -13.10
CA GLU A 33 32.12 11.42 -14.15
C GLU A 33 31.30 10.92 -15.33
N GLU A 34 31.79 11.21 -16.54
CA GLU A 34 31.17 10.74 -17.77
C GLU A 34 31.95 9.58 -18.37
N ASP A 35 31.62 8.37 -17.96
CA ASP A 35 32.21 7.19 -18.57
C ASP A 35 31.10 6.38 -19.24
N LYS A 37 28.66 5.61 -21.91
CA LYS A 37 28.39 5.76 -23.34
C LYS A 37 26.97 5.34 -23.67
N THR A 38 26.31 6.10 -24.53
CA THR A 38 24.93 5.80 -24.90
C THR A 38 24.85 5.02 -26.20
N SER A 39 23.63 4.73 -26.64
CA SER A 39 23.38 3.98 -27.85
C SER A 39 24.05 4.61 -29.07
N ASN A 40 23.74 5.88 -29.33
CA ASN A 40 24.25 6.58 -30.49
C ASN A 40 25.76 6.80 -30.45
N GLY A 41 26.38 6.57 -29.30
CA GLY A 41 27.82 6.54 -29.21
C GLY A 41 28.48 7.66 -28.44
N ASP A 42 27.71 8.67 -28.05
CA ASP A 42 28.27 9.80 -27.31
C ASP A 42 28.36 9.48 -25.81
N PHE A 43 28.95 10.40 -25.05
CA PHE A 43 29.19 10.17 -23.63
C PHE A 43 28.38 11.08 -22.72
N VAL A 44 28.06 10.59 -21.53
CA VAL A 44 27.24 11.31 -20.57
C VAL A 44 27.58 10.86 -19.15
N ASP A 45 27.36 11.74 -18.17
CA ASP A 45 27.74 11.44 -16.79
C ASP A 45 26.85 10.36 -16.15
N ARG A 46 27.34 9.79 -15.06
CA ARG A 46 26.72 8.62 -14.44
C ARG A 46 25.32 8.91 -13.91
N LEU A 47 25.14 10.05 -13.24
CA LEU A 47 23.84 10.39 -12.66
C LEU A 47 22.78 10.57 -13.75
N THR A 48 23.19 11.12 -14.88
CA THR A 48 22.26 11.32 -16.00
C THR A 48 21.76 9.97 -16.52
N ALA A 49 22.68 9.05 -16.73
CA ALA A 49 22.34 7.71 -17.21
C ALA A 49 21.42 7.01 -16.22
N VAL A 50 21.72 7.17 -14.93
CA VAL A 50 20.93 6.59 -13.86
C VAL A 50 19.52 7.16 -13.85
N LYS A 51 19.41 8.48 -13.91
CA LYS A 51 18.12 9.14 -13.98
C LYS A 51 17.26 8.56 -15.09
N GLN A 52 17.87 8.38 -16.26
CA GLN A 52 17.18 7.80 -17.40
C GLN A 52 16.68 6.39 -17.11
N VAL A 53 17.61 5.47 -16.90
CA VAL A 53 17.29 4.05 -16.73
C VAL A 53 16.33 3.77 -15.57
N VAL A 54 16.62 4.34 -14.40
CA VAL A 54 15.80 4.10 -13.21
C VAL A 54 14.39 4.67 -13.38
N SER A 55 14.28 5.84 -14.02
CA SER A 55 12.98 6.43 -14.30
C SER A 55 12.13 5.53 -15.20
N ASP A 56 12.76 5.01 -16.26
CA ASP A 56 12.12 4.05 -17.15
C ASP A 56 11.71 2.79 -16.40
N PHE A 57 12.58 2.33 -15.51
CA PHE A 57 12.32 1.17 -14.65
C PHE A 57 11.06 1.35 -13.83
N ILE A 58 10.92 2.56 -13.29
CA ILE A 58 9.79 2.94 -12.44
C ILE A 58 8.47 2.84 -13.20
N ASP A 59 8.47 3.32 -14.44
CA ASP A 59 7.29 3.23 -15.29
C ASP A 59 6.84 1.79 -15.51
N GLN A 60 7.80 0.86 -15.49
CA GLN A 60 7.54 -0.53 -15.83
C GLN A 60 6.82 -1.25 -14.68
N ARG A 61 7.15 -0.89 -13.45
CA ARG A 61 6.48 -1.44 -12.27
C ARG A 61 4.99 -1.14 -12.24
N LYS A 62 4.19 -2.13 -11.82
CA LYS A 62 2.75 -1.95 -11.67
C LYS A 62 2.24 -2.59 -10.38
N GLY A 63 1.51 -1.81 -9.59
CA GLY A 63 0.89 -2.34 -8.39
C GLY A 63 1.81 -2.43 -7.19
N ASP A 64 2.99 -1.84 -7.30
CA ASP A 64 3.97 -1.90 -6.23
C ASP A 64 4.25 -0.52 -5.63
N ARG A 65 4.67 -0.50 -4.37
CA ARG A 65 5.10 0.73 -3.73
C ARG A 65 6.59 0.94 -3.91
N LEU A 66 6.98 2.19 -4.16
CA LEU A 66 8.39 2.52 -4.38
C LEU A 66 8.83 3.70 -3.54
N GLY A 67 10.06 3.65 -3.05
CA GLY A 67 10.63 4.72 -2.25
C GLY A 67 12.05 5.02 -2.68
N LEU A 68 12.56 6.19 -2.28
CA LEU A 68 13.87 6.64 -2.74
C LEU A 68 14.80 7.06 -1.61
N VAL A 69 15.95 6.40 -1.54
CA VAL A 69 17.01 6.77 -0.60
C VAL A 69 18.24 7.23 -1.37
N LEU A 70 18.76 8.40 -1.01
CA LEU A 70 19.96 8.93 -1.65
C LEU A 70 21.10 8.93 -0.63
N PHE A 71 22.31 8.58 -1.05
CA PHE A 71 23.41 8.64 -0.09
C PHE A 71 24.70 9.26 -0.61
N GLY A 72 25.55 9.60 0.34
CA GLY A 72 26.84 10.24 0.12
C GLY A 72 27.53 10.22 1.47
N ASP A 73 28.03 11.37 1.92
CA ASP A 73 28.61 11.48 3.26
C ASP A 73 27.61 10.98 4.30
N HIS A 74 26.36 11.40 4.13
CA HIS A 74 25.26 10.91 4.94
C HIS A 74 24.18 10.35 4.02
N ALA A 75 23.31 9.51 4.58
CA ALA A 75 22.21 8.96 3.81
C ALA A 75 20.89 9.57 4.26
N TYR A 76 20.03 9.91 3.30
CA TYR A 76 18.72 10.43 3.66
C TYR A 76 17.61 9.89 2.76
N LEU A 77 16.40 9.95 3.27
CA LEU A 77 15.23 9.38 2.63
C LEU A 77 14.48 10.45 1.83
N GLN A 78 14.47 10.30 0.51
CA GLN A 78 13.85 11.29 -0.36
C GLN A 78 12.34 11.09 -0.47
N THR A 79 11.92 9.85 -0.71
CA THR A 79 10.51 9.51 -0.78
C THR A 79 10.23 8.34 0.15
N PRO A 80 9.25 8.48 1.05
CA PRO A 80 8.92 7.42 2.01
C PRO A 80 8.57 6.10 1.31
N LEU A 81 7.46 6.10 0.57
CA LEU A 81 6.97 4.96 -0.20
C LEU A 81 5.62 5.41 -0.76
N THR A 82 5.27 4.92 -1.95
CA THR A 82 4.04 5.39 -2.59
C THR A 82 3.57 4.56 -3.78
N PHE A 83 2.31 4.77 -4.15
CA PHE A 83 1.74 4.17 -5.34
C PHE A 83 1.83 5.12 -6.52
N ASP A 84 2.18 6.36 -6.21
CA ASP A 84 2.42 7.33 -7.25
C ASP A 84 3.89 7.30 -7.64
N ARG A 85 4.16 6.61 -8.74
CA ARG A 85 5.53 6.49 -9.23
C ARG A 85 6.07 7.82 -9.77
N ASN A 86 5.18 8.59 -10.37
CA ASN A 86 5.50 9.92 -10.90
C ASN A 86 6.30 10.79 -9.94
N THR A 87 5.92 10.78 -8.66
CA THR A 87 6.59 11.61 -7.67
C THR A 87 8.00 11.09 -7.38
N VAL A 88 8.20 9.79 -7.49
CA VAL A 88 9.52 9.21 -7.25
C VAL A 88 10.41 9.48 -8.45
N ARG A 89 9.80 9.53 -9.62
CA ARG A 89 10.52 9.78 -10.87
C ARG A 89 10.97 11.23 -10.96
N GLU A 90 10.08 12.15 -10.59
CA GLU A 90 10.36 13.58 -10.62
C GLU A 90 11.41 13.96 -9.57
N GLN A 91 11.20 13.49 -8.34
CA GLN A 91 12.12 13.80 -7.25
C GLN A 91 13.49 13.20 -7.52
N LEU A 92 13.56 12.24 -8.44
CA LEU A 92 14.83 11.74 -8.92
C LEU A 92 15.39 12.71 -9.97
N ASP A 93 14.51 13.14 -10.86
CA ASP A 93 14.88 14.03 -11.96
C ASP A 93 15.60 15.29 -11.49
N ARG A 94 15.12 15.86 -10.39
CA ARG A 94 15.61 17.15 -9.92
C ARG A 94 16.82 17.03 -9.00
N THR A 95 17.23 15.80 -8.69
CA THR A 95 18.42 15.59 -7.87
C THR A 95 19.66 16.13 -8.56
N VAL A 96 20.52 16.79 -7.81
CA VAL A 96 21.78 17.31 -8.36
C VAL A 96 22.96 16.74 -7.59
N LEU A 97 24.15 16.87 -8.16
CA LEU A 97 25.36 16.29 -7.58
C LEU A 97 26.06 17.24 -6.62
N ASN A 98 26.99 16.69 -5.84
CA ASN A 98 27.88 17.43 -4.95
C ASN A 98 27.24 18.03 -3.69
N LEU A 99 25.95 17.77 -3.48
CA LEU A 99 25.32 18.20 -2.24
C LEU A 99 25.77 17.32 -1.08
N VAL A 100 25.98 16.03 -1.38
CA VAL A 100 26.31 15.05 -0.35
C VAL A 100 27.80 14.76 -0.23
N GLY A 101 28.62 15.47 -1.02
CA GLY A 101 30.06 15.33 -0.92
C GLY A 101 30.63 14.16 -1.70
N GLN A 102 31.89 13.85 -1.42
CA GLN A 102 32.64 12.85 -2.18
C GLN A 102 32.44 11.43 -1.66
N ARG A 103 32.28 11.32 -0.36
CA ARG A 103 32.29 10.03 0.32
C ARG A 103 30.94 9.30 0.19
N THR A 104 30.93 7.98 0.34
CA THR A 104 29.68 7.22 0.26
C THR A 104 29.36 6.41 1.53
N ALA A 105 28.10 6.49 1.94
CA ALA A 105 27.57 5.71 3.03
C ALA A 105 26.66 4.60 2.51
N ILE A 106 27.23 3.42 2.28
CA ILE A 106 26.45 2.31 1.75
C ILE A 106 25.64 1.65 2.87
N GLY A 107 26.28 1.48 4.03
CA GLY A 107 25.61 0.92 5.19
C GLY A 107 24.44 1.78 5.63
N GLU A 108 24.68 3.07 5.78
CA GLU A 108 23.65 4.02 6.17
C GLU A 108 22.50 4.04 5.18
N GLY A 109 22.83 3.92 3.89
CA GLY A 109 21.82 3.90 2.85
C GLY A 109 20.91 2.69 2.96
N LEU A 110 21.51 1.53 3.22
CA LEU A 110 20.75 0.30 3.37
C LEU A 110 19.96 0.30 4.67
N GLY A 111 20.59 0.74 5.75
CA GLY A 111 19.96 0.79 7.05
C GLY A 111 18.73 1.67 7.06
N LEU A 112 18.80 2.77 6.31
CA LEU A 112 17.68 3.69 6.22
C LEU A 112 16.58 3.12 5.33
N ALA A 113 16.99 2.47 4.26
CA ALA A 113 16.05 1.79 3.36
C ALA A 113 15.35 0.65 4.12
N THR A 114 16.14 -0.09 4.89
CA THR A 114 15.60 -1.13 5.75
C THR A 114 14.56 -0.54 6.69
N LYS A 115 14.94 0.54 7.37
CA LYS A 115 14.05 1.24 8.31
C LYS A 115 12.71 1.57 7.68
N THR A 116 12.74 1.91 6.39
CA THR A 116 11.55 2.36 5.69
C THR A 116 10.55 1.23 5.49
N PHE A 117 11.01 0.00 5.67
CA PHE A 117 10.12 -1.15 5.57
C PHE A 117 9.39 -1.36 6.89
N ILE A 118 9.94 -0.81 7.97
CA ILE A 118 9.41 -1.04 9.31
C ILE A 118 8.33 -0.01 9.66
N GLU A 119 8.22 1.06 8.89
CA GLU A 119 7.06 1.95 9.06
C GLU A 119 5.86 1.39 8.31
N SER A 120 6.12 0.55 7.31
CA SER A 120 5.05 -0.15 6.62
C SER A 120 4.63 -1.38 7.43
N ASN A 121 5.32 -1.58 8.55
CA ASN A 121 5.02 -2.68 9.46
C ASN A 121 3.91 -2.34 10.45
N ALA A 122 3.48 -1.08 10.46
CA ALA A 122 2.49 -0.64 11.45
C ALA A 122 1.30 0.07 10.84
N PRO A 123 0.45 -0.66 10.09
CA PRO A 123 -0.76 -0.04 9.58
C PRO A 123 -1.83 0.01 10.67
N GLN A 124 -2.59 1.09 10.71
CA GLN A 124 -3.68 1.19 11.68
C GLN A 124 -4.92 0.51 11.13
N ARG A 125 -5.50 -0.38 11.92
CA ARG A 125 -6.60 -1.23 11.47
C ARG A 125 -7.95 -0.60 11.77
N THR A 126 -8.82 -0.60 10.76
CA THR A 126 -10.14 0.02 10.89
C THR A 126 -11.23 -0.83 10.25
N ILE A 127 -12.28 -1.11 11.01
CA ILE A 127 -13.43 -1.85 10.48
C ILE A 127 -14.63 -0.92 10.36
N ILE A 128 -15.33 -1.00 9.23
CA ILE A 128 -16.58 -0.27 9.07
C ILE A 128 -17.73 -1.25 8.85
N LEU A 129 -18.57 -1.38 9.87
CA LEU A 129 -19.71 -2.28 9.82
C LEU A 129 -21.02 -1.50 9.76
N LEU A 130 -21.89 -1.90 8.83
CA LEU A 130 -23.24 -1.36 8.80
C LEU A 130 -24.26 -2.51 8.79
N SER A 131 -25.41 -2.28 9.41
CA SER A 131 -26.44 -3.30 9.56
C SER A 131 -27.80 -2.66 9.76
N ASP A 132 -28.85 -3.35 9.33
CA ASP A 132 -30.21 -2.88 9.51
C ASP A 132 -30.80 -3.59 10.72
N GLY A 133 -30.09 -4.62 11.15
CA GLY A 133 -30.67 -5.59 12.06
C GLY A 133 -29.86 -5.89 13.28
N ALA A 134 -30.53 -6.49 14.26
CA ALA A 134 -29.86 -7.03 15.42
C ALA A 134 -29.12 -8.27 15.01
N ASN A 135 -28.17 -8.69 15.83
CA ASN A 135 -27.45 -9.93 15.58
C ASN A 135 -28.33 -11.12 15.97
N THR A 136 -29.25 -11.49 15.07
CA THR A 136 -30.25 -12.52 15.35
C THR A 136 -29.63 -13.91 15.46
N ALA A 137 -28.76 -14.25 14.52
CA ALA A 137 -28.17 -15.59 14.44
C ALA A 137 -26.67 -15.55 14.20
N GLY A 138 -25.93 -16.39 14.93
CA GLY A 138 -24.48 -16.44 14.80
C GLY A 138 -23.88 -17.13 16.00
N VAL A 139 -22.82 -17.89 15.79
CA VAL A 139 -22.18 -18.58 16.89
C VAL A 139 -21.39 -17.59 17.74
N LEU A 140 -20.70 -16.66 17.09
N LEU A 140 -20.71 -16.65 17.09
CA LEU A 140 -19.92 -15.66 17.79
CA LEU A 140 -19.93 -15.65 17.79
C LEU A 140 -20.79 -14.45 18.15
C LEU A 140 -20.78 -14.44 18.14
N GLU A 141 -20.81 -14.10 19.44
CA GLU A 141 -21.58 -12.95 19.90
C GLU A 141 -20.91 -11.65 19.48
N PRO A 142 -21.70 -10.58 19.28
CA PRO A 142 -21.20 -9.28 18.83
C PRO A 142 -20.11 -8.70 19.73
N LEU A 143 -20.35 -8.71 21.03
CA LEU A 143 -19.44 -8.06 21.98
C LEU A 143 -18.22 -8.93 22.26
N GLU A 144 -18.35 -10.22 22.03
CA GLU A 144 -17.18 -11.06 22.04
C GLU A 144 -16.34 -10.66 20.85
N ALA A 145 -16.95 -10.70 19.67
CA ALA A 145 -16.29 -10.33 18.41
C ALA A 145 -15.68 -8.94 18.47
N ALA A 146 -16.35 -8.03 19.17
CA ALA A 146 -15.85 -6.68 19.35
C ALA A 146 -14.59 -6.67 20.22
N GLN A 147 -14.60 -7.50 21.26
CA GLN A 147 -13.51 -7.57 22.23
C GLN A 147 -12.21 -7.99 21.56
N LEU A 148 -12.35 -8.84 20.56
CA LEU A 148 -11.23 -9.41 19.84
C LEU A 148 -10.61 -8.39 18.90
N ALA A 149 -11.45 -7.59 18.26
CA ALA A 149 -11.01 -6.49 17.41
C ALA A 149 -10.18 -5.48 18.20
N LYS A 150 -10.51 -5.31 19.47
CA LYS A 150 -9.75 -4.43 20.35
C LYS A 150 -8.41 -5.07 20.70
N ASP A 151 -8.42 -6.39 20.90
CA ASP A 151 -7.20 -7.14 21.16
C ASP A 151 -6.24 -7.06 19.98
N ASN A 152 -6.80 -6.91 18.79
CA ASN A 152 -6.01 -6.84 17.56
C ASN A 152 -5.85 -5.41 17.06
N HIS A 153 -6.13 -4.44 17.92
CA HIS A 153 -5.91 -3.02 17.65
C HIS A 153 -6.76 -2.49 16.49
N ALA A 154 -7.96 -3.03 16.33
CA ALA A 154 -8.86 -2.57 15.29
C ALA A 154 -9.93 -1.63 15.84
N LYS A 155 -10.02 -0.45 15.25
CA LYS A 155 -11.07 0.50 15.60
C LYS A 155 -12.25 0.28 14.66
N ILE A 156 -13.37 -0.19 15.19
CA ILE A 156 -14.53 -0.47 14.34
C ILE A 156 -15.64 0.58 14.50
N TYR A 157 -15.97 1.20 13.38
CA TYR A 157 -17.09 2.14 13.30
C TYR A 157 -18.36 1.39 12.90
N THR A 158 -19.46 1.69 13.58
CA THR A 158 -20.72 1.01 13.30
C THR A 158 -21.74 1.98 12.71
N VAL A 159 -22.50 1.51 11.73
CA VAL A 159 -23.50 2.35 11.06
C VAL A 159 -24.87 1.69 11.04
N GLY A 160 -25.81 2.25 11.81
CA GLY A 160 -27.18 1.78 11.78
C GLY A 160 -27.89 2.38 10.59
N ILE A 161 -28.68 1.57 9.88
CA ILE A 161 -29.32 2.05 8.65
C ILE A 161 -30.81 1.68 8.59
N GLY A 162 -31.63 2.71 8.39
CA GLY A 162 -33.07 2.54 8.44
C GLY A 162 -33.74 3.88 8.66
N ALA A 163 -34.94 4.06 8.10
CA ALA A 163 -35.64 5.33 8.19
C ALA A 163 -36.27 5.56 9.57
N GLY A 164 -36.80 4.49 10.15
CA GLY A 164 -37.57 4.60 11.38
C GLY A 164 -39.03 4.86 11.04
N GLU A 165 -39.71 5.62 11.89
CA GLU A 165 -41.12 5.94 11.67
C GLU A 165 -41.31 6.69 10.36
N GLN A 167 -44.44 7.89 7.44
CA GLN A 167 -45.81 8.00 6.94
C GLN A 167 -45.85 7.55 5.49
N VAL A 168 -46.80 6.67 5.18
CA VAL A 168 -46.87 6.10 3.85
C VAL A 168 -48.32 5.99 3.38
N ARG A 169 -48.51 6.12 2.07
CA ARG A 169 -49.82 5.96 1.47
C ARG A 169 -49.99 4.55 0.93
N GLY A 170 -50.59 3.66 1.72
CA GLY A 170 -50.92 2.36 1.19
C GLY A 170 -52.05 2.51 0.20
N PHE A 171 -52.27 1.50 -0.64
CA PHE A 171 -53.48 1.42 -1.49
C PHE A 171 -54.65 1.65 -0.55
N PHE A 172 -54.81 0.79 0.45
CA PHE A 172 -55.93 0.91 1.38
C PHE A 172 -56.04 2.28 2.03
N GLY A 173 -54.93 2.89 2.43
CA GLY A 173 -54.96 4.23 2.97
C GLY A 173 -53.63 4.68 3.54
N LYS A 174 -53.63 5.77 4.29
CA LYS A 174 -52.41 6.30 4.89
C LYS A 174 -52.02 5.45 6.11
N GLN A 175 -50.73 5.16 6.23
CA GLN A 175 -50.26 4.21 7.22
C GLN A 175 -48.91 4.61 7.80
N THR A 176 -48.71 4.32 9.08
CA THR A 176 -47.45 4.63 9.75
C THR A 176 -46.57 3.38 9.91
N VAL A 177 -45.47 3.37 9.18
CA VAL A 177 -44.53 2.25 9.23
C VAL A 177 -43.23 2.66 9.92
N ASN A 178 -42.80 1.87 10.90
CA ASN A 178 -41.46 2.02 11.46
C ASN A 178 -40.56 0.96 10.84
N THR A 179 -39.71 1.40 9.91
CA THR A 179 -39.00 0.48 9.02
C THR A 179 -37.77 -0.18 9.65
N ALA A 180 -37.33 0.31 10.80
CA ALA A 180 -36.18 -0.27 11.47
C ALA A 180 -36.50 -0.62 12.91
N ARG A 181 -37.46 -1.52 13.10
CA ARG A 181 -37.79 -2.02 14.43
C ARG A 181 -36.68 -2.90 14.93
N ASP A 182 -36.11 -3.68 14.00
CA ASP A 182 -35.12 -4.69 14.32
C ASP A 182 -33.79 -4.09 14.77
N LEU A 183 -33.42 -2.98 14.14
CA LEU A 183 -32.13 -2.33 14.37
C LEU A 183 -31.71 -2.24 15.84
N ASP A 184 -30.66 -2.99 16.19
CA ASP A 184 -30.08 -2.95 17.52
C ASP A 184 -29.03 -1.86 17.59
N GLU A 185 -29.39 -0.73 18.20
CA GLU A 185 -28.50 0.42 18.23
C GLU A 185 -27.53 0.37 19.40
N ASP A 186 -27.99 -0.06 20.57
CA ASP A 186 -27.13 -0.07 21.75
C ASP A 186 -26.13 -1.23 21.74
N THR A 187 -26.37 -2.25 20.92
CA THR A 187 -25.34 -3.25 20.69
C THR A 187 -24.30 -2.66 19.75
N LEU A 188 -24.77 -2.06 18.66
CA LEU A 188 -23.92 -1.40 17.69
C LEU A 188 -23.11 -0.27 18.33
N THR A 189 -23.73 0.43 19.28
CA THR A 189 -23.03 1.49 20.01
C THR A 189 -21.93 0.91 20.89
N LYS A 190 -22.27 -0.13 21.64
CA LYS A 190 -21.29 -0.81 22.50
C LYS A 190 -20.07 -1.26 21.72
N ILE A 191 -20.29 -1.83 20.54
CA ILE A 191 -19.21 -2.31 19.69
C ILE A 191 -18.23 -1.20 19.34
N ALA A 192 -18.76 -0.10 18.81
CA ALA A 192 -17.94 1.04 18.43
C ALA A 192 -17.22 1.64 19.64
N THR A 193 -17.96 1.83 20.72
CA THR A 193 -17.41 2.40 21.95
C THR A 193 -16.32 1.51 22.54
N THR A 195 -14.31 -0.41 21.16
CA THR A 195 -13.12 -0.45 20.34
C THR A 195 -12.59 0.93 19.98
N GLY A 196 -13.32 1.96 20.39
CA GLY A 196 -12.85 3.33 20.21
C GLY A 196 -13.42 4.04 19.00
N GLY A 197 -14.23 3.33 18.22
CA GLY A 197 -14.86 3.93 17.06
C GLY A 197 -16.07 4.74 17.44
N GLN A 198 -16.90 5.07 16.45
CA GLN A 198 -18.14 5.79 16.69
C GLN A 198 -19.31 5.05 16.06
N TYR A 199 -20.51 5.33 16.55
CA TYR A 199 -21.72 4.78 15.94
C TYR A 199 -22.50 5.86 15.22
N PHE A 200 -22.98 5.54 14.02
CA PHE A 200 -23.77 6.48 13.24
C PHE A 200 -25.09 5.86 12.82
N ARG A 201 -26.15 6.68 12.81
CA ARG A 201 -27.46 6.23 12.35
C ARG A 201 -27.86 6.97 11.09
N ALA A 202 -28.06 6.22 9.99
CA ALA A 202 -28.45 6.82 8.72
C ALA A 202 -29.93 6.61 8.46
N ARG A 203 -30.69 7.69 8.45
CA ARG A 203 -32.13 7.61 8.24
C ARG A 203 -32.51 7.87 6.79
N ASN A 204 -31.53 8.26 5.98
CA ASN A 204 -31.71 8.37 4.54
C ASN A 204 -30.37 8.33 3.81
N ALA A 205 -30.42 8.42 2.48
CA ALA A 205 -29.23 8.28 1.64
C ALA A 205 -28.23 9.41 1.82
N ASP A 206 -28.73 10.59 2.19
CA ASP A 206 -27.87 11.76 2.35
C ASP A 206 -27.13 11.74 3.68
N GLU A 207 -27.82 11.33 4.73
CA GLU A 207 -27.18 11.13 6.03
C GLU A 207 -26.16 10.01 5.90
N LEU A 208 -26.51 8.99 5.13
CA LEU A 208 -25.60 7.88 4.85
C LEU A 208 -24.34 8.37 4.15
N ALA A 209 -24.52 9.21 3.13
CA ALA A 209 -23.39 9.80 2.42
C ALA A 209 -22.52 10.59 3.37
N GLU A 210 -23.16 11.43 4.19
CA GLU A 210 -22.46 12.25 5.16
C GLU A 210 -21.71 11.41 6.18
N ILE A 211 -22.30 10.29 6.56
CA ILE A 211 -21.71 9.42 7.58
C ILE A 211 -20.35 8.88 7.16
N TYR A 212 -20.24 8.43 5.91
CA TYR A 212 -18.98 7.87 5.43
C TYR A 212 -17.96 8.97 5.15
N GLN A 213 -18.44 10.17 4.83
CA GLN A 213 -17.56 11.32 4.69
C GLN A 213 -16.89 11.63 6.02
N THR A 214 -17.64 11.49 7.09
CA THR A 214 -17.13 11.76 8.44
C THR A 214 -16.07 10.73 8.81
N ILE A 215 -16.29 9.48 8.45
CA ILE A 215 -15.35 8.40 8.73
C ILE A 215 -14.08 8.60 7.90
N ASP A 216 -14.23 9.21 6.73
CA ASP A 216 -13.08 9.58 5.92
C ASP A 216 -12.26 10.63 6.68
N ALA A 217 -12.95 11.62 7.25
CA ALA A 217 -12.29 12.71 7.95
C ALA A 217 -11.62 12.26 9.23
N LEU A 218 -12.17 11.22 9.86
CA LEU A 218 -11.66 10.75 11.15
C LEU A 218 -10.41 9.87 10.98
N GLU A 219 -10.33 9.17 9.86
CA GLU A 219 -9.17 8.35 9.56
C GLU A 219 -8.40 8.97 8.39
N PRO A 220 -7.30 9.69 8.69
CA PRO A 220 -6.52 10.33 7.63
C PRO A 220 -5.15 9.69 7.43
N GLU B 17 1.40 7.82 5.25
CA GLU B 17 1.25 6.49 5.85
C GLU B 17 -0.03 5.83 5.35
N HIS B 18 -0.14 4.53 5.57
CA HIS B 18 -1.27 3.78 5.03
C HIS B 18 -1.98 2.94 6.10
N ARG B 19 -3.30 2.77 5.92
CA ARG B 19 -4.10 1.97 6.84
C ARG B 19 -4.75 0.79 6.14
N ASP B 20 -5.02 -0.27 6.91
CA ASP B 20 -5.80 -1.39 6.40
C ASP B 20 -7.22 -1.29 6.90
N LEU B 23 -14.26 -3.55 5.19
CA LEU B 23 -15.66 -3.21 4.98
C LEU B 23 -16.55 -4.44 5.19
N VAL B 24 -17.32 -4.40 6.27
CA VAL B 24 -18.26 -5.47 6.59
C VAL B 24 -19.70 -4.99 6.39
N VAL B 25 -20.34 -5.46 5.32
CA VAL B 25 -21.68 -4.96 4.99
C VAL B 25 -22.76 -6.06 5.03
N ASP B 26 -23.99 -5.62 5.31
CA ASP B 26 -25.14 -6.47 5.58
C ASP B 26 -25.87 -6.88 4.30
N LEU B 27 -26.13 -8.18 4.14
CA LEU B 27 -26.78 -8.69 2.95
C LEU B 27 -28.14 -9.33 3.23
N SER B 28 -28.63 -9.17 4.46
CA SER B 28 -29.89 -9.80 4.85
C SER B 28 -31.05 -9.30 3.99
N GLY B 29 -32.11 -10.09 3.95
CA GLY B 29 -33.25 -9.81 3.11
C GLY B 29 -33.90 -8.46 3.39
N SER B 30 -33.74 -7.96 4.61
CA SER B 30 -34.33 -6.68 5.01
C SER B 30 -33.67 -5.49 4.31
N ALA B 32 -33.60 -5.18 1.31
CA ALA B 32 -34.38 -4.97 0.09
C ALA B 32 -35.45 -3.92 0.31
N GLU B 33 -35.68 -3.57 1.58
CA GLU B 33 -36.59 -2.50 1.92
C GLU B 33 -36.16 -1.21 1.26
N GLU B 34 -37.11 -0.56 0.60
CA GLU B 34 -36.88 0.74 -0.01
C GLU B 34 -37.11 1.82 1.03
N ASP B 35 -36.07 2.03 1.82
CA ASP B 35 -36.09 2.93 2.96
C ASP B 35 -35.60 4.31 2.57
N LYS B 37 -34.17 7.73 1.33
CA LYS B 37 -34.63 8.93 0.66
C LYS B 37 -33.45 9.74 0.11
N THR B 38 -33.48 10.02 -1.19
CA THR B 38 -32.44 10.84 -1.80
C THR B 38 -32.87 12.31 -1.78
N SER B 39 -31.99 13.20 -2.22
CA SER B 39 -32.24 14.64 -2.18
C SER B 39 -33.45 15.05 -3.02
N ASN B 40 -33.56 14.51 -4.22
CA ASN B 40 -34.68 14.84 -5.10
C ASN B 40 -35.99 14.25 -4.59
N GLY B 41 -35.89 13.33 -3.63
CA GLY B 41 -37.06 12.82 -2.93
C GLY B 41 -37.47 11.40 -3.25
N ASP B 42 -36.69 10.71 -4.07
CA ASP B 42 -37.02 9.34 -4.46
C ASP B 42 -36.64 8.36 -3.35
N PHE B 43 -37.29 7.20 -3.35
CA PHE B 43 -36.95 6.12 -2.45
C PHE B 43 -36.27 4.97 -3.20
N VAL B 44 -35.16 4.51 -2.66
CA VAL B 44 -34.47 3.35 -3.21
C VAL B 44 -34.15 2.40 -2.07
N ASP B 45 -33.83 1.15 -2.40
CA ASP B 45 -33.58 0.14 -1.38
C ASP B 45 -32.26 0.39 -0.66
N ARG B 46 -32.13 -0.20 0.52
CA ARG B 46 -30.97 0.02 1.37
C ARG B 46 -29.65 -0.37 0.70
N LEU B 47 -29.62 -1.57 0.12
CA LEU B 47 -28.43 -2.09 -0.53
C LEU B 47 -27.93 -1.17 -1.66
N THR B 48 -28.86 -0.64 -2.43
CA THR B 48 -28.51 0.28 -3.51
C THR B 48 -27.89 1.56 -2.96
N ALA B 49 -28.51 2.12 -1.93
CA ALA B 49 -28.00 3.32 -1.28
C ALA B 49 -26.60 3.09 -0.73
N VAL B 50 -26.38 1.89 -0.20
CA VAL B 50 -25.09 1.51 0.36
C VAL B 50 -24.03 1.38 -0.73
N LYS B 51 -24.36 0.64 -1.80
CA LYS B 51 -23.48 0.46 -2.94
C LYS B 51 -22.96 1.79 -3.45
N GLN B 52 -23.88 2.75 -3.62
CA GLN B 52 -23.54 4.08 -4.10
C GLN B 52 -22.53 4.78 -3.19
N VAL B 53 -22.91 4.95 -1.93
CA VAL B 53 -22.09 5.68 -0.96
C VAL B 53 -20.72 5.01 -0.75
N VAL B 54 -20.72 3.70 -0.51
CA VAL B 54 -19.50 2.98 -0.21
C VAL B 54 -18.53 2.98 -1.40
N SER B 55 -19.08 2.93 -2.62
CA SER B 55 -18.26 2.99 -3.82
C SER B 55 -17.52 4.31 -3.91
N ASP B 56 -18.19 5.39 -3.52
CA ASP B 56 -17.56 6.71 -3.49
C ASP B 56 -16.54 6.78 -2.37
N PHE B 57 -16.81 6.05 -1.28
CA PHE B 57 -15.89 5.98 -0.16
C PHE B 57 -14.62 5.22 -0.55
N ILE B 58 -14.80 4.15 -1.31
CA ILE B 58 -13.68 3.33 -1.76
C ILE B 58 -12.74 4.12 -2.67
N ASP B 59 -13.33 4.92 -3.55
CA ASP B 59 -12.56 5.77 -4.46
C ASP B 59 -11.74 6.82 -3.74
N GLN B 60 -12.10 7.14 -2.49
CA GLN B 60 -11.50 8.23 -1.71
C GLN B 60 -10.19 7.80 -1.05
N ARG B 61 -10.09 6.54 -0.63
CA ARG B 61 -8.91 6.05 0.06
C ARG B 61 -7.86 5.53 -0.94
N LYS B 62 -7.05 6.45 -1.44
CA LYS B 62 -6.10 6.16 -2.50
C LYS B 62 -4.97 5.24 -2.05
N GLY B 63 -4.44 5.49 -0.87
CA GLY B 63 -3.23 4.80 -0.43
C GLY B 63 -3.45 3.64 0.54
N ASP B 64 -4.68 3.16 0.63
CA ASP B 64 -4.99 2.20 1.70
C ASP B 64 -5.51 0.85 1.20
N ARG B 65 -5.30 -0.17 2.03
CA ARG B 65 -5.81 -1.50 1.72
C ARG B 65 -7.25 -1.63 2.17
N LEU B 66 -8.10 -2.13 1.27
CA LEU B 66 -9.49 -2.37 1.60
C LEU B 66 -9.89 -3.80 1.25
N GLY B 67 -10.75 -4.37 2.09
CA GLY B 67 -11.30 -5.68 1.85
C GLY B 67 -12.79 -5.68 2.12
N LEU B 68 -13.50 -6.71 1.65
CA LEU B 68 -14.95 -6.75 1.80
C LEU B 68 -15.45 -8.03 2.46
N VAL B 69 -16.25 -7.86 3.51
CA VAL B 69 -16.92 -8.98 4.16
C VAL B 69 -18.43 -8.79 4.08
N LEU B 70 -19.13 -9.80 3.58
CA LEU B 70 -20.59 -9.78 3.46
C LEU B 70 -21.18 -10.79 4.45
N PHE B 71 -22.26 -10.42 5.13
CA PHE B 71 -22.76 -11.31 6.19
C PHE B 71 -24.28 -11.49 6.30
N GLY B 72 -24.64 -12.38 7.21
CA GLY B 72 -26.02 -12.69 7.53
C GLY B 72 -26.07 -14.00 8.29
N ASP B 73 -26.87 -14.97 7.81
CA ASP B 73 -26.83 -16.34 8.33
C ASP B 73 -25.37 -16.75 8.50
N HIS B 74 -24.72 -16.95 7.36
N HIS B 74 -24.72 -16.95 7.36
CA HIS B 74 -23.30 -17.22 7.34
CA HIS B 74 -23.30 -17.21 7.33
C HIS B 74 -22.58 -15.95 6.87
C HIS B 74 -22.58 -15.96 6.85
N ALA B 75 -21.40 -15.71 7.40
CA ALA B 75 -20.60 -14.56 6.99
C ALA B 75 -19.43 -15.06 6.16
N TYR B 76 -19.25 -14.47 4.98
CA TYR B 76 -18.16 -14.84 4.09
C TYR B 76 -17.47 -13.58 3.59
N LEU B 77 -16.16 -13.66 3.37
CA LEU B 77 -15.42 -12.50 2.90
C LEU B 77 -15.49 -12.47 1.36
N GLN B 78 -15.64 -11.30 0.75
CA GLN B 78 -15.69 -11.22 -0.70
C GLN B 78 -14.32 -10.78 -1.26
N THR B 79 -13.66 -9.82 -0.60
CA THR B 79 -12.33 -9.40 -1.07
C THR B 79 -11.24 -9.31 0.04
N PRO B 80 -10.14 -10.06 -0.13
CA PRO B 80 -9.04 -10.12 0.86
C PRO B 80 -8.03 -8.98 0.81
N LEU B 81 -8.46 -7.81 1.25
CA LEU B 81 -7.59 -6.68 1.57
C LEU B 81 -6.58 -6.27 0.49
N THR B 82 -7.07 -6.04 -0.73
CA THR B 82 -6.17 -5.60 -1.78
C THR B 82 -5.96 -4.08 -1.74
N PHE B 83 -4.82 -3.64 -2.26
CA PHE B 83 -4.55 -2.22 -2.48
C PHE B 83 -5.42 -1.74 -3.64
N ASP B 84 -5.54 -2.61 -4.65
CA ASP B 84 -6.39 -2.37 -5.81
C ASP B 84 -7.83 -2.19 -5.35
N ARG B 85 -8.35 -0.98 -5.47
CA ARG B 85 -9.68 -0.67 -4.96
C ARG B 85 -10.76 -0.70 -6.03
N ASN B 86 -10.35 -0.83 -7.28
CA ASN B 86 -11.33 -0.94 -8.35
C ASN B 86 -12.02 -2.29 -8.30
N THR B 87 -11.28 -3.32 -7.90
CA THR B 87 -11.87 -4.65 -7.74
C THR B 87 -12.81 -4.68 -6.53
N VAL B 88 -12.35 -4.15 -5.39
CA VAL B 88 -13.18 -4.09 -4.19
C VAL B 88 -14.49 -3.36 -4.45
N ARG B 89 -14.38 -2.27 -5.20
CA ARG B 89 -15.56 -1.49 -5.58
C ARG B 89 -16.45 -2.28 -6.52
N GLU B 90 -15.86 -2.83 -7.59
CA GLU B 90 -16.59 -3.63 -8.56
C GLU B 90 -17.23 -4.86 -7.94
N GLN B 91 -16.48 -5.53 -7.07
CA GLN B 91 -16.94 -6.75 -6.43
C GLN B 91 -18.16 -6.48 -5.54
N LEU B 92 -18.10 -5.37 -4.80
CA LEU B 92 -19.23 -4.93 -3.98
C LEU B 92 -20.44 -4.60 -4.84
N ASP B 93 -20.19 -4.06 -6.03
CA ASP B 93 -21.25 -3.56 -6.88
C ASP B 93 -22.09 -4.66 -7.52
N ARG B 94 -21.48 -5.81 -7.77
CA ARG B 94 -22.20 -6.92 -8.41
C ARG B 94 -22.90 -7.79 -7.37
N THR B 95 -22.79 -7.39 -6.11
CA THR B 95 -23.50 -8.06 -5.02
C THR B 95 -25.01 -7.94 -5.23
N VAL B 96 -25.75 -8.98 -4.86
CA VAL B 96 -27.20 -8.99 -4.98
C VAL B 96 -27.86 -9.10 -3.60
N LEU B 97 -29.12 -9.52 -3.57
CA LEU B 97 -29.91 -9.52 -2.34
C LEU B 97 -30.50 -10.91 -2.08
N ASN B 98 -30.84 -11.18 -0.80
CA ASN B 98 -31.61 -12.36 -0.37
C ASN B 98 -30.88 -13.70 -0.50
N LEU B 99 -29.68 -13.65 -1.05
CA LEU B 99 -28.77 -14.81 -1.10
C LEU B 99 -28.48 -15.40 0.29
N VAL B 100 -28.23 -14.53 1.25
CA VAL B 100 -27.76 -14.94 2.55
C VAL B 100 -28.91 -15.48 3.40
N GLY B 101 -30.02 -14.76 3.38
CA GLY B 101 -31.18 -15.15 4.15
C GLY B 101 -31.68 -14.03 5.04
N GLN B 102 -32.58 -14.35 5.95
CA GLN B 102 -33.24 -13.34 6.77
C GLN B 102 -32.58 -13.08 8.12
N ARG B 103 -31.58 -13.90 8.47
CA ARG B 103 -30.90 -13.69 9.74
C ARG B 103 -29.49 -13.13 9.52
N THR B 104 -28.97 -12.41 10.52
CA THR B 104 -27.65 -11.79 10.42
C THR B 104 -26.67 -12.20 11.52
N ALA B 105 -25.47 -12.58 11.11
CA ALA B 105 -24.38 -12.85 12.04
C ALA B 105 -23.44 -11.67 12.10
N ILE B 106 -23.64 -10.80 13.08
CA ILE B 106 -22.80 -9.63 13.23
C ILE B 106 -21.45 -10.02 13.83
N GLY B 107 -21.49 -10.85 14.88
CA GLY B 107 -20.27 -11.35 15.50
C GLY B 107 -19.40 -12.14 14.52
N GLU B 108 -20.05 -12.89 13.64
CA GLU B 108 -19.33 -13.65 12.61
C GLU B 108 -18.56 -12.74 11.68
N GLY B 109 -19.26 -11.71 11.18
CA GLY B 109 -18.67 -10.78 10.25
C GLY B 109 -17.49 -10.02 10.83
N LEU B 110 -17.66 -9.53 12.05
CA LEU B 110 -16.60 -8.78 12.73
C LEU B 110 -15.39 -9.67 13.01
N GLY B 111 -15.64 -10.93 13.34
CA GLY B 111 -14.58 -11.88 13.58
C GLY B 111 -13.81 -12.19 12.31
N LEU B 112 -14.55 -12.44 11.24
CA LEU B 112 -13.94 -12.79 9.96
C LEU B 112 -13.11 -11.62 9.42
N ALA B 113 -13.58 -10.40 9.67
CA ALA B 113 -12.84 -9.22 9.30
C ALA B 113 -11.50 -9.16 10.06
N THR B 114 -11.59 -9.36 11.37
CA THR B 114 -10.42 -9.32 12.24
C THR B 114 -9.42 -10.42 11.87
N LYS B 115 -9.94 -11.61 11.57
CA LYS B 115 -9.08 -12.74 11.18
C LYS B 115 -8.35 -12.44 9.88
N THR B 116 -8.98 -11.66 9.01
CA THR B 116 -8.42 -11.39 7.70
C THR B 116 -7.33 -10.33 7.75
N PHE B 117 -7.29 -9.55 8.84
CA PHE B 117 -6.19 -8.64 9.07
C PHE B 117 -4.89 -9.43 9.27
N ILE B 118 -5.04 -10.62 9.85
CA ILE B 118 -3.91 -11.43 10.28
C ILE B 118 -3.33 -12.30 9.15
N GLU B 119 -4.20 -12.90 8.36
CA GLU B 119 -3.76 -13.80 7.28
C GLU B 119 -3.15 -13.05 6.10
N SER B 120 -3.06 -11.73 6.21
CA SER B 120 -2.50 -10.91 5.15
C SER B 120 -1.06 -11.30 4.83
N PRO B 123 3.67 -7.59 2.15
CA PRO B 123 4.17 -7.39 0.79
C PRO B 123 5.63 -7.80 0.64
N GLN B 124 6.01 -8.25 -0.55
CA GLN B 124 7.39 -8.63 -0.84
C GLN B 124 8.29 -7.41 -0.81
N ARG B 125 9.52 -7.59 -0.32
CA ARG B 125 10.44 -6.48 -0.15
C ARG B 125 11.71 -6.63 -0.99
N THR B 126 12.15 -5.52 -1.58
CA THR B 126 13.38 -5.53 -2.37
C THR B 126 14.15 -4.22 -2.27
N ILE B 127 15.47 -4.34 -2.21
CA ILE B 127 16.36 -3.18 -2.25
C ILE B 127 17.15 -3.22 -3.54
N ILE B 128 17.23 -2.08 -4.22
CA ILE B 128 18.12 -1.96 -5.36
C ILE B 128 19.17 -0.89 -5.07
N LEU B 129 20.40 -1.35 -4.81
CA LEU B 129 21.49 -0.48 -4.41
C LEU B 129 22.45 -0.22 -5.56
N LEU B 130 22.66 1.06 -5.86
CA LEU B 130 23.51 1.47 -6.95
C LEU B 130 24.67 2.32 -6.44
N SER B 131 25.89 1.97 -6.84
CA SER B 131 27.06 2.68 -6.33
C SER B 131 28.23 2.68 -7.32
N ASP B 132 29.02 3.75 -7.27
CA ASP B 132 30.20 3.87 -8.13
C ASP B 132 31.49 3.63 -7.35
N GLY B 133 31.36 3.41 -6.05
CA GLY B 133 32.53 3.27 -5.21
C GLY B 133 32.34 2.44 -3.97
N ALA B 134 33.39 2.35 -3.16
CA ALA B 134 33.37 1.60 -1.93
C ALA B 134 32.71 2.42 -0.82
N ASN B 135 32.44 1.75 0.30
CA ASN B 135 31.85 2.40 1.47
C ASN B 135 32.94 3.19 2.21
N THR B 136 33.12 4.45 1.83
CA THR B 136 34.23 5.24 2.34
C THR B 136 33.89 5.85 3.71
N ALA B 137 32.64 6.29 3.86
CA ALA B 137 32.21 6.95 5.09
C ALA B 137 30.88 6.41 5.60
N GLY B 138 30.86 5.91 6.83
CA GLY B 138 29.64 5.35 7.38
C GLY B 138 29.73 5.06 8.88
N VAL B 139 28.57 5.02 9.54
CA VAL B 139 28.54 4.70 10.95
C VAL B 139 28.47 3.19 11.12
N LEU B 140 27.62 2.56 10.31
CA LEU B 140 27.44 1.12 10.36
C LEU B 140 28.00 0.47 9.09
N GLU B 141 28.70 -0.64 9.27
CA GLU B 141 29.35 -1.35 8.19
C GLU B 141 28.33 -1.90 7.18
N PRO B 142 28.74 -2.01 5.90
CA PRO B 142 27.80 -2.38 4.84
C PRO B 142 27.21 -3.79 4.98
N LEU B 143 28.01 -4.74 5.46
CA LEU B 143 27.55 -6.11 5.58
C LEU B 143 26.60 -6.29 6.76
N GLU B 144 26.79 -5.48 7.81
CA GLU B 144 25.90 -5.53 8.96
C GLU B 144 24.56 -4.92 8.62
N ALA B 145 24.55 -4.08 7.58
CA ALA B 145 23.30 -3.54 7.05
C ALA B 145 22.59 -4.61 6.22
N ALA B 146 23.37 -5.34 5.44
CA ALA B 146 22.85 -6.43 4.62
C ALA B 146 22.27 -7.53 5.50
N GLN B 147 22.86 -7.70 6.68
CA GLN B 147 22.37 -8.67 7.65
C GLN B 147 20.99 -8.23 8.16
N LEU B 148 20.89 -6.96 8.52
CA LEU B 148 19.63 -6.38 8.99
C LEU B 148 18.58 -6.41 7.90
N ALA B 149 19.03 -6.26 6.65
CA ALA B 149 18.14 -6.31 5.50
C ALA B 149 17.55 -7.71 5.35
N LYS B 150 18.38 -8.72 5.56
CA LYS B 150 17.93 -10.11 5.48
C LYS B 150 16.89 -10.42 6.54
N ASP B 151 17.12 -9.91 7.75
CA ASP B 151 16.21 -10.13 8.87
C ASP B 151 14.79 -9.68 8.53
N ASN B 152 14.69 -8.58 7.80
CA ASN B 152 13.39 -8.02 7.42
C ASN B 152 12.92 -8.49 6.05
N HIS B 153 13.51 -9.59 5.59
CA HIS B 153 13.10 -10.29 4.37
C HIS B 153 13.37 -9.51 3.08
N ALA B 154 14.04 -8.37 3.20
CA ALA B 154 14.40 -7.59 2.02
C ALA B 154 15.52 -8.28 1.25
N LYS B 155 15.34 -8.40 -0.06
CA LYS B 155 16.38 -8.92 -0.94
C LYS B 155 17.07 -7.76 -1.64
N ILE B 156 18.41 -7.75 -1.62
CA ILE B 156 19.15 -6.64 -2.18
C ILE B 156 19.81 -6.98 -3.51
N TYR B 157 19.40 -6.28 -4.56
CA TYR B 157 20.14 -6.30 -5.82
C TYR B 157 21.13 -5.16 -5.81
N THR B 158 22.38 -5.45 -6.19
CA THR B 158 23.42 -4.44 -6.18
C THR B 158 23.94 -4.17 -7.58
N VAL B 159 24.03 -2.89 -7.94
CA VAL B 159 24.52 -2.50 -9.25
C VAL B 159 25.76 -1.60 -9.14
N GLY B 160 26.91 -2.14 -9.52
CA GLY B 160 28.13 -1.34 -9.59
C GLY B 160 28.16 -0.60 -10.92
N ILE B 161 28.61 0.65 -10.91
CA ILE B 161 28.58 1.46 -12.12
C ILE B 161 29.90 2.20 -12.38
N GLY B 162 30.44 1.97 -13.57
CA GLY B 162 31.71 2.55 -13.99
C GLY B 162 32.13 1.83 -15.25
N ALA B 163 32.93 2.49 -16.09
CA ALA B 163 33.36 1.87 -17.35
C ALA B 163 34.61 1.02 -17.13
N GLY B 164 35.21 1.12 -15.95
CA GLY B 164 36.40 0.36 -15.63
C GLY B 164 37.58 0.73 -16.51
N GLU B 165 38.42 -0.25 -16.82
CA GLU B 165 39.61 -0.03 -17.62
C GLU B 165 39.31 0.15 -19.11
N GLN B 167 41.47 1.38 -22.88
CA GLN B 167 42.78 1.58 -23.48
C GLN B 167 42.80 2.79 -24.40
N VAL B 168 43.62 3.78 -24.04
CA VAL B 168 43.69 5.02 -24.79
C VAL B 168 44.95 5.07 -25.65
N ARG B 169 44.76 5.05 -26.96
CA ARG B 169 45.88 5.19 -27.88
C ARG B 169 46.29 6.66 -27.91
N GLY B 170 47.59 6.91 -27.93
CA GLY B 170 48.06 8.28 -28.02
C GLY B 170 49.30 8.46 -28.89
N PHE B 171 50.07 9.51 -28.59
CA PHE B 171 51.26 9.91 -29.34
C PHE B 171 52.36 8.85 -29.20
N PHE B 172 52.93 8.81 -28.00
CA PHE B 172 54.13 8.03 -27.67
C PHE B 172 53.89 6.53 -27.67
N GLY B 173 52.86 6.12 -26.95
CA GLY B 173 52.48 4.74 -26.91
C GLY B 173 51.24 4.55 -26.07
N LYS B 174 51.16 3.41 -25.39
CA LYS B 174 49.95 3.07 -24.65
C LYS B 174 49.89 3.67 -23.24
N GLN B 175 48.93 4.56 -23.02
CA GLN B 175 48.60 4.99 -21.67
C GLN B 175 47.25 4.40 -21.29
N THR B 176 47.13 3.95 -20.04
CA THR B 176 45.91 3.29 -19.59
C THR B 176 45.23 4.07 -18.48
N VAL B 177 43.94 4.33 -18.66
CA VAL B 177 43.14 5.01 -17.64
C VAL B 177 41.97 4.13 -17.19
N ASN B 178 41.73 4.11 -15.89
CA ASN B 178 40.69 3.28 -15.30
C ASN B 178 39.68 4.17 -14.59
N THR B 179 38.43 4.16 -15.05
CA THR B 179 37.46 5.12 -14.58
C THR B 179 36.95 4.80 -13.18
N ALA B 180 36.64 3.55 -12.93
CA ALA B 180 36.15 3.12 -11.63
C ALA B 180 37.04 2.06 -11.01
N ARG B 181 38.01 2.49 -10.21
CA ARG B 181 38.80 1.57 -9.40
C ARG B 181 38.42 1.74 -7.93
N ASP B 182 37.62 2.78 -7.68
CA ASP B 182 37.02 2.99 -6.37
C ASP B 182 35.92 1.97 -6.13
N LEU B 183 35.38 1.43 -7.21
CA LEU B 183 34.30 0.45 -7.15
C LEU B 183 34.71 -0.81 -6.40
N ASP B 184 34.03 -1.07 -5.29
CA ASP B 184 34.23 -2.29 -4.51
C ASP B 184 33.22 -3.35 -4.89
N GLU B 185 33.60 -4.21 -5.83
CA GLU B 185 32.70 -5.25 -6.32
C GLU B 185 32.64 -6.43 -5.37
N ASP B 186 33.64 -6.56 -4.51
CA ASP B 186 33.70 -7.66 -3.57
C ASP B 186 32.54 -7.59 -2.57
N THR B 187 32.43 -6.47 -1.87
CA THR B 187 31.38 -6.30 -0.86
C THR B 187 30.01 -6.10 -1.48
N LEU B 188 29.98 -5.50 -2.67
CA LEU B 188 28.72 -5.36 -3.41
C LEU B 188 28.17 -6.74 -3.77
N THR B 189 29.07 -7.67 -4.06
CA THR B 189 28.70 -9.04 -4.36
C THR B 189 28.18 -9.74 -3.11
N LYS B 190 28.88 -9.52 -1.99
CA LYS B 190 28.50 -10.11 -0.71
C LYS B 190 27.07 -9.75 -0.32
N ILE B 191 26.77 -8.45 -0.32
CA ILE B 191 25.47 -7.93 0.03
C ILE B 191 24.34 -8.61 -0.75
N ALA B 192 24.51 -8.71 -2.07
CA ALA B 192 23.52 -9.35 -2.92
C ALA B 192 23.37 -10.84 -2.59
N THR B 193 24.50 -11.54 -2.51
CA THR B 193 24.50 -12.97 -2.26
C THR B 193 23.94 -13.30 -0.87
N THR B 195 21.74 -11.60 0.83
CA THR B 195 20.30 -11.36 0.86
C THR B 195 19.57 -12.16 -0.22
N GLY B 196 20.31 -12.91 -1.01
CA GLY B 196 19.72 -13.77 -2.03
C GLY B 196 19.44 -13.05 -3.34
N GLY B 197 20.16 -11.95 -3.58
CA GLY B 197 20.02 -11.22 -4.82
C GLY B 197 21.22 -11.43 -5.72
N GLN B 198 21.30 -10.60 -6.77
N GLN B 198 21.32 -10.64 -6.78
CA GLN B 198 22.39 -10.67 -7.73
CA GLN B 198 22.44 -10.76 -7.71
C GLN B 198 23.20 -9.38 -7.71
C GLN B 198 23.15 -9.43 -7.92
N TYR B 199 24.47 -9.48 -8.09
CA TYR B 199 25.26 -8.28 -8.34
C TYR B 199 25.39 -8.08 -9.85
N PHE B 200 25.26 -6.83 -10.28
CA PHE B 200 25.43 -6.48 -11.67
C PHE B 200 26.45 -5.36 -11.84
N ARG B 201 27.20 -5.40 -12.94
CA ARG B 201 28.15 -4.34 -13.29
C ARG B 201 27.79 -3.71 -14.63
N ALA B 202 27.61 -2.40 -14.63
CA ALA B 202 27.30 -1.65 -15.86
C ALA B 202 28.46 -0.77 -16.27
N ARG B 203 29.00 -1.02 -17.46
CA ARG B 203 30.13 -0.26 -17.97
C ARG B 203 29.67 0.82 -18.94
N ASN B 204 28.39 0.76 -19.29
CA ASN B 204 27.79 1.74 -20.20
C ASN B 204 26.26 1.74 -20.08
N ALA B 205 25.63 2.76 -20.67
CA ALA B 205 24.19 2.98 -20.53
C ALA B 205 23.34 1.83 -21.06
N ASP B 206 23.71 1.30 -22.22
CA ASP B 206 23.05 0.12 -22.78
C ASP B 206 23.08 -1.04 -21.79
N GLU B 207 24.27 -1.30 -21.27
CA GLU B 207 24.48 -2.35 -20.27
C GLU B 207 23.64 -2.09 -19.03
N LEU B 208 23.56 -0.82 -18.63
CA LEU B 208 22.84 -0.40 -17.44
C LEU B 208 21.33 -0.63 -17.55
N ALA B 209 20.76 -0.37 -18.72
CA ALA B 209 19.33 -0.57 -18.93
C ALA B 209 18.98 -2.05 -18.85
N GLU B 210 19.85 -2.89 -19.41
CA GLU B 210 19.64 -4.33 -19.42
C GLU B 210 19.58 -4.91 -18.01
N ILE B 211 20.47 -4.45 -17.15
CA ILE B 211 20.47 -4.84 -15.75
C ILE B 211 19.08 -4.59 -15.16
N TYR B 212 18.64 -3.33 -15.15
CA TYR B 212 17.35 -2.98 -14.57
C TYR B 212 16.16 -3.63 -15.29
N GLN B 213 16.28 -3.78 -16.61
CA GLN B 213 15.30 -4.54 -17.36
C GLN B 213 15.26 -5.97 -16.84
N THR B 214 16.44 -6.51 -16.54
CA THR B 214 16.56 -7.85 -15.97
C THR B 214 15.97 -7.90 -14.55
N ILE B 215 16.23 -6.88 -13.74
CA ILE B 215 15.76 -6.88 -12.35
C ILE B 215 14.23 -6.88 -12.24
N ASP B 216 13.58 -6.08 -13.08
CA ASP B 216 12.12 -6.06 -13.22
C ASP B 216 11.58 -7.48 -13.45
N ALA B 217 12.20 -8.20 -14.39
CA ALA B 217 11.78 -9.54 -14.75
C ALA B 217 11.89 -10.53 -13.60
N LEU B 218 12.95 -10.38 -12.80
CA LEU B 218 13.19 -11.27 -11.67
C LEU B 218 12.14 -11.10 -10.57
N GLU B 219 11.59 -9.90 -10.43
CA GLU B 219 10.53 -9.63 -9.47
C GLU B 219 9.24 -9.25 -10.19
N PRO B 220 8.35 -10.25 -10.42
CA PRO B 220 7.12 -10.03 -11.18
C PRO B 220 5.99 -9.46 -10.33
#